data_7ZWT
#
_entry.id   7ZWT
#
_cell.length_a   67.609
_cell.length_b   67.609
_cell.length_c   166.066
_cell.angle_alpha   90.000
_cell.angle_beta   90.000
_cell.angle_gamma   120.000
#
_symmetry.space_group_name_H-M   'P 61 2 2'
#
loop_
_entity.id
_entity.type
_entity.pdbx_description
1 polymer 'B-cell lymphoma 6 protein'
2 non-polymer 2-[(2-chlorophenyl)amino]-~{N}-(pyridin-2-ylmethyl)-1,3-thiazole-4-carboxamide
3 non-polymer 'CHLORIDE ION'
4 non-polymer 1,2-ETHANEDIOL
5 non-polymer 'DIMETHYL SULFOXIDE'
6 water water
#
_entity_poly.entity_id   1
_entity_poly.type   'polypeptide(L)'
_entity_poly.pdbx_seq_one_letter_code
;GPGLDYKDDDDKENLYFQGADSCIQFTRHASDVLLNLNRLRSRDILTDVVIVVSREQFRAHKTVLMACSGLFYSIFTDQL
KCNLSVINLDPEINPEGFCILLDFMYTSRLNLREGNIMAVMATAMYLQMEHVVDTCRKFIKASE
;
_entity_poly.pdbx_strand_id   A
#
loop_
_chem_comp.id
_chem_comp.type
_chem_comp.name
_chem_comp.formula
CL non-polymer 'CHLORIDE ION' 'Cl -1'
DMS non-polymer 'DIMETHYL SULFOXIDE' 'C2 H6 O S'
EDO non-polymer 1,2-ETHANEDIOL 'C2 H6 O2'
K5U non-polymer 2-[(2-chlorophenyl)amino]-~{N}-(pyridin-2-ylmethyl)-1,3-thiazole-4-carboxamide 'C16 H13 Cl N4 O S'
#
# COMPACT_ATOMS: atom_id res chain seq x y z
N ASN A 14 -5.73 -29.49 -6.21
CA ASN A 14 -4.43 -29.20 -5.61
C ASN A 14 -4.25 -27.72 -5.22
N LEU A 15 -3.03 -27.39 -4.76
CA LEU A 15 -2.57 -26.04 -4.40
C LEU A 15 -1.50 -25.60 -5.45
N TYR A 16 -1.33 -26.40 -6.52
CA TYR A 16 -0.39 -26.12 -7.59
C TYR A 16 -0.93 -26.47 -8.99
N PHE A 17 -0.30 -25.90 -10.02
CA PHE A 17 -0.67 -26.14 -11.40
C PHE A 17 0.55 -26.10 -12.31
N GLN A 18 0.42 -26.67 -13.48
CA GLN A 18 1.48 -26.65 -14.41
C GLN A 18 1.31 -25.34 -15.11
N GLY A 19 2.33 -24.51 -15.06
CA GLY A 19 2.28 -23.20 -15.65
C GLY A 19 2.44 -23.17 -17.15
N ALA A 20 2.35 -21.96 -17.70
CA ALA A 20 2.51 -21.70 -19.14
C ALA A 20 3.91 -22.11 -19.65
N ASP A 21 4.92 -21.92 -18.80
CA ASP A 21 6.29 -22.32 -19.05
C ASP A 21 6.51 -23.77 -18.54
N SER A 22 7.75 -24.23 -18.46
CA SER A 22 7.96 -25.58 -17.92
C SER A 22 8.14 -25.58 -16.41
N CYS A 23 7.18 -25.07 -15.66
CA CYS A 23 7.34 -24.94 -14.22
C CYS A 23 6.08 -25.09 -13.39
N ILE A 24 6.21 -25.66 -12.20
CA ILE A 24 5.09 -25.79 -11.30
C ILE A 24 4.88 -24.43 -10.64
N GLN A 25 3.62 -24.04 -10.49
N GLN A 25 3.63 -24.03 -10.49
CA GLN A 25 3.27 -22.75 -9.89
CA GLN A 25 3.29 -22.75 -9.86
C GLN A 25 2.27 -22.94 -8.74
C GLN A 25 2.29 -22.96 -8.73
N PHE A 26 2.44 -22.18 -7.63
CA PHE A 26 1.56 -22.28 -6.46
C PHE A 26 0.52 -21.15 -6.50
N THR A 27 -0.75 -21.53 -6.61
CA THR A 27 -1.92 -20.65 -6.68
C THR A 27 -2.03 -19.65 -5.53
N ARG A 28 -1.85 -20.11 -4.28
CA ARG A 28 -2.05 -19.23 -3.11
C ARG A 28 -0.77 -18.62 -2.52
N HIS A 29 0.42 -18.90 -3.08
CA HIS A 29 1.71 -18.42 -2.53
C HIS A 29 1.79 -16.88 -2.34
N ALA A 30 1.56 -16.07 -3.41
CA ALA A 30 1.61 -14.61 -3.40
C ALA A 30 0.70 -13.96 -2.35
N SER A 31 -0.53 -14.47 -2.22
CA SER A 31 -1.49 -14.03 -1.21
C SER A 31 -1.05 -14.51 0.19
N ASP A 32 -0.35 -15.67 0.29
CA ASP A 32 0.10 -16.20 1.60
C ASP A 32 1.28 -15.40 2.13
N VAL A 33 2.12 -14.91 1.21
CA VAL A 33 3.27 -14.05 1.51
C VAL A 33 2.75 -12.75 2.07
N LEU A 34 1.75 -12.18 1.38
CA LEU A 34 1.10 -10.93 1.78
C LEU A 34 0.42 -11.05 3.13
N LEU A 35 -0.33 -12.16 3.40
CA LEU A 35 -0.96 -12.43 4.71
C LEU A 35 0.11 -12.42 5.80
N ASN A 36 1.24 -13.12 5.56
CA ASN A 36 2.34 -13.23 6.51
C ASN A 36 3.06 -11.89 6.75
N LEU A 37 3.26 -11.05 5.69
CA LEU A 37 3.87 -9.74 5.87
C LEU A 37 2.93 -8.85 6.73
N ASN A 38 1.62 -9.03 6.58
CA ASN A 38 0.68 -8.21 7.37
C ASN A 38 0.68 -8.62 8.85
N ARG A 39 0.90 -9.95 9.14
CA ARG A 39 1.03 -10.53 10.48
C ARG A 39 2.30 -9.93 11.11
N LEU A 40 3.43 -9.86 10.35
CA LEU A 40 4.68 -9.19 10.77
C LEU A 40 4.39 -7.71 11.13
N ARG A 41 3.59 -7.01 10.32
CA ARG A 41 3.22 -5.64 10.59
C ARG A 41 2.43 -5.50 11.90
N SER A 42 1.35 -6.30 12.07
CA SER A 42 0.49 -6.28 13.28
C SER A 42 1.29 -6.47 14.57
N ARG A 43 2.35 -7.30 14.50
CA ARG A 43 3.19 -7.64 15.62
C ARG A 43 4.43 -6.74 15.74
N ASP A 44 4.56 -5.75 14.81
CA ASP A 44 5.65 -4.79 14.72
C ASP A 44 7.01 -5.49 14.56
N ILE A 45 7.02 -6.59 13.80
CA ILE A 45 8.22 -7.41 13.56
C ILE A 45 8.92 -6.94 12.29
N LEU A 46 10.21 -6.53 12.43
CA LEU A 46 11.14 -6.00 11.43
C LEU A 46 10.59 -4.83 10.62
N THR A 47 9.65 -4.05 11.22
CA THR A 47 9.20 -2.81 10.59
C THR A 47 10.42 -1.89 10.71
N ASP A 48 10.70 -1.12 9.65
CA ASP A 48 11.90 -0.30 9.58
C ASP A 48 11.65 1.16 9.27
N VAL A 49 10.39 1.60 9.29
CA VAL A 49 10.09 3.00 9.05
C VAL A 49 8.80 3.40 9.73
N VAL A 50 8.69 4.67 10.14
CA VAL A 50 7.48 5.29 10.68
C VAL A 50 7.08 6.35 9.64
N ILE A 51 5.83 6.29 9.17
CA ILE A 51 5.31 7.29 8.25
C ILE A 51 4.46 8.22 9.12
N VAL A 52 4.78 9.50 9.11
CA VAL A 52 4.07 10.47 9.95
C VAL A 52 3.15 11.34 9.14
N VAL A 53 1.85 11.25 9.42
CA VAL A 53 0.88 12.08 8.74
C VAL A 53 0.19 12.88 9.84
N SER A 54 0.47 14.17 9.87
CA SER A 54 0.00 15.09 10.91
C SER A 54 0.49 14.57 12.24
N ARG A 55 -0.44 14.35 13.16
CA ARG A 55 -0.09 13.84 14.47
C ARG A 55 -0.09 12.31 14.52
N GLU A 56 -0.52 11.66 13.46
CA GLU A 56 -0.58 10.19 13.49
C GLU A 56 0.68 9.55 12.88
N GLN A 57 1.02 8.38 13.38
CA GLN A 57 2.19 7.62 12.95
C GLN A 57 1.77 6.23 12.47
N PHE A 58 2.48 5.69 11.49
CA PHE A 58 2.17 4.40 10.90
C PHE A 58 3.47 3.64 10.72
N ARG A 59 3.64 2.49 11.37
CA ARG A 59 4.86 1.71 11.20
C ARG A 59 4.69 0.77 10.03
N ALA A 60 5.72 0.60 9.20
CA ALA A 60 5.59 -0.28 8.03
C ALA A 60 6.93 -0.85 7.63
N HIS A 61 6.93 -1.70 6.60
CA HIS A 61 8.16 -2.26 6.05
C HIS A 61 8.41 -1.49 4.77
N LYS A 62 9.61 -0.89 4.64
CA LYS A 62 10.00 -0.10 3.46
C LYS A 62 9.75 -0.83 2.12
N THR A 63 10.12 -2.11 2.02
CA THR A 63 9.99 -2.85 0.75
C THR A 63 8.54 -3.01 0.31
N VAL A 64 7.61 -3.18 1.26
CA VAL A 64 6.18 -3.27 0.95
C VAL A 64 5.68 -1.93 0.36
N LEU A 65 6.08 -0.84 0.99
CA LEU A 65 5.74 0.54 0.58
C LEU A 65 6.26 0.80 -0.83
N MET A 66 7.52 0.37 -1.13
CA MET A 66 8.13 0.56 -2.45
C MET A 66 7.46 -0.25 -3.52
N ALA A 67 7.01 -1.47 -3.15
CA ALA A 67 6.34 -2.45 -4.02
C ALA A 67 4.92 -2.00 -4.37
N CYS A 68 4.34 -1.06 -3.60
CA CYS A 68 2.98 -0.56 -3.85
C CYS A 68 2.89 0.88 -4.35
N SER A 69 3.82 1.77 -3.90
CA SER A 69 3.72 3.18 -4.19
C SER A 69 4.92 3.74 -4.92
N GLY A 70 4.66 4.47 -6.02
CA GLY A 70 5.72 5.12 -6.80
C GLY A 70 6.52 6.13 -5.99
N LEU A 71 5.82 6.90 -5.12
CA LEU A 71 6.45 7.87 -4.24
C LEU A 71 7.42 7.20 -3.24
N PHE A 72 6.99 6.13 -2.55
CA PHE A 72 7.85 5.42 -1.62
C PHE A 72 9.05 4.76 -2.32
N TYR A 73 8.86 4.28 -3.56
CA TYR A 73 9.98 3.69 -4.31
C TYR A 73 11.01 4.80 -4.64
N SER A 74 10.55 5.97 -5.09
CA SER A 74 11.43 7.09 -5.42
C SER A 74 12.12 7.59 -4.17
N ILE A 75 11.40 7.58 -3.00
CA ILE A 75 11.98 7.98 -1.72
C ILE A 75 13.10 7.03 -1.29
N PHE A 76 12.76 5.75 -1.16
CA PHE A 76 13.69 4.76 -0.64
C PHE A 76 14.75 4.30 -1.66
N THR A 77 14.71 4.79 -2.92
CA THR A 77 15.80 4.49 -3.88
C THR A 77 16.78 5.70 -3.88
N ASP A 78 16.41 6.81 -3.22
CA ASP A 78 17.26 8.00 -3.11
C ASP A 78 18.33 7.70 -2.06
N GLN A 79 19.64 7.79 -2.44
CA GLN A 79 20.82 7.50 -1.60
C GLN A 79 20.86 8.28 -0.29
N LEU A 80 20.24 9.45 -0.24
CA LEU A 80 20.24 10.24 0.97
C LEU A 80 19.17 9.78 1.92
N LYS A 81 17.99 9.50 1.37
CA LYS A 81 16.75 9.13 2.07
C LYS A 81 16.52 7.63 2.34
N CYS A 82 17.28 6.75 1.68
CA CYS A 82 17.09 5.30 1.76
C CYS A 82 17.21 4.71 3.18
N ASN A 83 18.05 5.31 4.06
CA ASN A 83 18.22 4.74 5.40
C ASN A 83 17.52 5.56 6.51
N LEU A 84 16.63 6.51 6.15
CA LEU A 84 15.84 7.28 7.10
C LEU A 84 14.82 6.35 7.77
N SER A 85 14.64 6.49 9.08
CA SER A 85 13.71 5.66 9.86
C SER A 85 12.39 6.39 10.06
N VAL A 86 12.33 7.69 9.72
CA VAL A 86 11.13 8.52 9.86
C VAL A 86 10.92 9.32 8.57
N ILE A 87 9.74 9.15 7.93
CA ILE A 87 9.32 9.84 6.71
C ILE A 87 8.05 10.65 7.01
N ASN A 88 8.12 11.97 6.83
CA ASN A 88 6.97 12.86 7.02
C ASN A 88 6.28 13.14 5.67
N LEU A 89 4.96 12.92 5.58
CA LEU A 89 4.16 13.18 4.38
C LEU A 89 3.53 14.59 4.52
N ASP A 90 2.99 15.10 3.42
CA ASP A 90 2.34 16.41 3.37
C ASP A 90 1.33 16.52 4.54
N PRO A 91 1.46 17.48 5.51
CA PRO A 91 0.50 17.52 6.64
C PRO A 91 -0.95 17.72 6.24
N GLU A 92 -1.21 17.93 4.95
CA GLU A 92 -2.54 18.10 4.38
C GLU A 92 -3.20 16.79 3.99
N ILE A 93 -2.40 15.73 3.86
CA ILE A 93 -2.83 14.37 3.55
C ILE A 93 -3.72 13.86 4.69
N ASN A 94 -4.89 13.31 4.32
CA ASN A 94 -5.87 12.80 5.27
C ASN A 94 -5.32 11.51 5.92
N PRO A 95 -5.19 11.46 7.28
CA PRO A 95 -4.65 10.25 7.93
C PRO A 95 -5.52 9.00 7.70
N GLU A 96 -6.86 9.17 7.67
N GLU A 96 -6.85 9.19 7.66
CA GLU A 96 -7.77 8.05 7.41
CA GLU A 96 -7.80 8.10 7.41
C GLU A 96 -7.51 7.50 6.00
C GLU A 96 -7.54 7.51 6.01
N GLY A 97 -7.42 8.39 5.01
CA GLY A 97 -7.13 8.04 3.61
C GLY A 97 -5.80 7.32 3.46
N PHE A 98 -4.77 7.73 4.25
CA PHE A 98 -3.47 7.06 4.25
C PHE A 98 -3.61 5.68 4.89
N CYS A 99 -4.33 5.59 6.03
CA CYS A 99 -4.56 4.31 6.74
C CYS A 99 -5.21 3.22 5.84
N ILE A 100 -6.27 3.60 5.09
CA ILE A 100 -7.02 2.75 4.16
C ILE A 100 -6.07 2.21 3.07
N LEU A 101 -5.16 3.07 2.55
CA LEU A 101 -4.19 2.72 1.53
C LEU A 101 -3.10 1.82 2.04
N LEU A 102 -2.59 2.09 3.27
CA LEU A 102 -1.57 1.25 3.90
C LEU A 102 -2.15 -0.15 4.16
N ASP A 103 -3.41 -0.22 4.63
CA ASP A 103 -4.12 -1.50 4.84
C ASP A 103 -4.28 -2.25 3.51
N PHE A 104 -4.65 -1.51 2.41
CA PHE A 104 -4.77 -2.10 1.07
C PHE A 104 -3.45 -2.76 0.62
N MET A 105 -2.35 -2.05 0.84
CA MET A 105 -1.01 -2.50 0.49
C MET A 105 -0.71 -3.89 1.04
N TYR A 106 -1.08 -4.12 2.29
CA TYR A 106 -0.87 -5.37 3.00
C TYR A 106 -1.99 -6.41 2.92
N THR A 107 -3.15 -6.06 2.37
CA THR A 107 -4.26 -7.00 2.30
C THR A 107 -4.94 -7.27 0.98
N SER A 108 -4.81 -6.33 0.05
CA SER A 108 -5.41 -6.21 -1.29
C SER A 108 -6.85 -5.71 -1.24
N ARG A 109 -7.32 -5.35 -0.06
CA ARG A 109 -8.68 -4.91 0.14
C ARG A 109 -8.67 -3.43 0.34
N LEU A 110 -9.48 -2.75 -0.45
CA LEU A 110 -9.60 -1.31 -0.37
C LEU A 110 -10.98 -0.93 0.13
N ASN A 111 -11.06 -0.54 1.38
CA ASN A 111 -12.31 -0.16 2.03
C ASN A 111 -12.76 1.25 1.59
N LEU A 112 -13.33 1.32 0.38
CA LEU A 112 -13.82 2.55 -0.25
C LEU A 112 -15.26 2.85 0.13
N ARG A 113 -15.50 3.99 0.78
CA ARG A 113 -16.84 4.44 1.22
C ARG A 113 -17.16 5.83 0.66
N GLU A 114 -18.46 6.18 0.67
CA GLU A 114 -18.96 7.49 0.21
C GLU A 114 -18.17 8.64 0.86
N GLY A 115 -17.98 8.56 2.18
CA GLY A 115 -17.29 9.57 2.97
C GLY A 115 -15.79 9.67 2.79
N ASN A 116 -15.10 8.55 2.49
CA ASN A 116 -13.66 8.55 2.36
C ASN A 116 -13.12 8.59 0.92
N ILE A 117 -13.96 8.30 -0.10
CA ILE A 117 -13.52 8.15 -1.50
C ILE A 117 -12.72 9.36 -2.03
N MET A 118 -13.13 10.62 -1.73
CA MET A 118 -12.36 11.78 -2.20
C MET A 118 -10.99 11.88 -1.54
N ALA A 119 -10.86 11.53 -0.24
CA ALA A 119 -9.58 11.59 0.47
C ALA A 119 -8.69 10.40 0.11
N VAL A 120 -9.28 9.25 -0.25
CA VAL A 120 -8.48 8.07 -0.64
C VAL A 120 -7.84 8.32 -2.01
N MET A 121 -8.61 8.92 -2.95
CA MET A 121 -8.16 9.23 -4.30
C MET A 121 -7.04 10.25 -4.24
N ALA A 122 -7.24 11.34 -3.45
CA ALA A 122 -6.25 12.40 -3.24
C ALA A 122 -4.91 11.78 -2.75
N THR A 123 -4.95 10.94 -1.70
CA THR A 123 -3.78 10.27 -1.11
C THR A 123 -3.08 9.31 -2.11
N ALA A 124 -3.85 8.53 -2.89
CA ALA A 124 -3.29 7.57 -3.86
C ALA A 124 -2.61 8.29 -5.04
N MET A 125 -3.07 9.51 -5.36
CA MET A 125 -2.48 10.39 -6.39
C MET A 125 -1.11 10.86 -5.91
N TYR A 126 -1.05 11.33 -4.65
CA TYR A 126 0.17 11.73 -3.96
C TYR A 126 1.15 10.54 -3.80
N LEU A 127 0.62 9.31 -3.54
CA LEU A 127 1.45 8.12 -3.35
C LEU A 127 1.82 7.40 -4.67
N GLN A 128 1.27 7.86 -5.80
CA GLN A 128 1.48 7.33 -7.15
C GLN A 128 1.06 5.88 -7.20
N MET A 129 -0.22 5.65 -6.86
CA MET A 129 -0.83 4.31 -6.88
C MET A 129 -1.96 4.40 -7.92
N GLU A 130 -1.57 4.32 -9.20
CA GLU A 130 -2.41 4.50 -10.38
C GLU A 130 -3.62 3.55 -10.47
N HIS A 131 -3.49 2.30 -10.00
CA HIS A 131 -4.57 1.31 -10.00
C HIS A 131 -5.73 1.75 -9.12
N VAL A 132 -5.41 2.25 -7.95
CA VAL A 132 -6.36 2.73 -6.96
C VAL A 132 -6.96 4.04 -7.42
N VAL A 133 -6.11 4.95 -7.99
CA VAL A 133 -6.50 6.25 -8.55
C VAL A 133 -7.61 6.03 -9.59
N ASP A 134 -7.36 5.16 -10.59
N ASP A 134 -7.37 5.15 -10.60
CA ASP A 134 -8.31 4.83 -11.66
CA ASP A 134 -8.33 4.86 -11.66
C ASP A 134 -9.59 4.22 -11.13
C ASP A 134 -9.62 4.23 -11.11
N THR A 135 -9.50 3.29 -10.16
CA THR A 135 -10.65 2.60 -9.54
C THR A 135 -11.57 3.62 -8.79
N CYS A 136 -10.96 4.60 -8.11
CA CYS A 136 -11.69 5.68 -7.42
C CYS A 136 -12.50 6.49 -8.42
N ARG A 137 -11.88 6.84 -9.57
CA ARG A 137 -12.48 7.63 -10.64
C ARG A 137 -13.73 6.91 -11.21
N LYS A 138 -13.61 5.60 -11.52
CA LYS A 138 -14.69 4.76 -12.03
C LYS A 138 -15.91 4.74 -11.07
N PHE A 139 -15.66 4.65 -9.75
CA PHE A 139 -16.70 4.66 -8.72
C PHE A 139 -17.35 6.05 -8.56
N ILE A 140 -16.57 7.14 -8.83
CA ILE A 140 -17.06 8.53 -8.75
C ILE A 140 -17.92 8.86 -9.97
N LYS A 141 -17.57 8.32 -11.16
CA LYS A 141 -18.31 8.53 -12.41
C LYS A 141 -19.69 7.83 -12.38
N ALA A 142 -19.80 6.71 -11.62
CA ALA A 142 -21.04 5.94 -11.48
C ALA A 142 -21.93 6.50 -10.38
N SER A 143 -21.32 7.07 -9.32
CA SER A 143 -22.02 7.67 -8.18
C SER A 143 -22.56 9.08 -8.49
N GLU A 144 -22.28 9.59 -9.72
CA GLU A 144 -22.70 10.91 -10.20
C GLU A 144 -24.04 10.82 -10.94
C1 K5U B . 10.35 -1.40 -8.96
C2 K5U B . 11.18 -1.56 -10.18
C3 K5U B . 11.58 -0.78 -12.47
N1 K5U B . 10.92 -0.70 -11.17
N3 K5U B . 7.61 0.20 -7.54
CL K5U B . 4.69 0.39 -7.07
C11 K5U B . 5.61 1.44 -8.11
C12 K5U B . 4.94 2.43 -8.79
C13 K5U B . 5.61 3.19 -9.74
C14 K5U B . 6.95 2.95 -9.99
C15 K5U B . 7.63 1.94 -9.30
C10 K5U B . 6.95 1.16 -8.35
C K5U B . 8.78 -0.43 -7.74
S K5U B . 9.38 -1.61 -6.62
C9 K5U B . 10.48 -2.16 -7.84
N K5U B . 9.39 -0.39 -8.90
O K5U B . 12.05 -2.42 -10.25
C4 K5U B . 12.05 0.56 -12.99
CL CL C . -0.19 -30.58 -11.70
C1 EDO D . -3.22 20.57 8.16
O1 EDO D . -2.71 19.48 8.91
C2 EDO D . -4.24 20.06 7.11
O2 EDO D . -4.86 21.16 6.49
C1 EDO E . -9.97 15.58 -1.51
O1 EDO E . -10.32 15.89 -2.85
C2 EDO E . -11.09 16.12 -0.57
O2 EDO E . -10.83 15.67 0.74
S DMS F . -7.71 5.82 10.71
O DMS F . -8.26 4.68 9.96
C1 DMS F . -9.08 6.39 11.67
C2 DMS F . -6.77 5.05 12.01
#